data_5NQ5
#
_entry.id   5NQ5
#
_cell.length_a   71.390
_cell.length_b   71.390
_cell.length_c   133.750
_cell.angle_alpha   90.00
_cell.angle_beta   90.00
_cell.angle_gamma   120.00
#
_symmetry.space_group_name_H-M   'P 32 2 1'
#
loop_
_entity.id
_entity.type
_entity.pdbx_description
1 polymer 'Thymidylate kinase'
2 non-polymer 5-methyl-1-[(3~{S})-1-[(3-phenoxyphenyl)methyl]piperidin-3-yl]pyrimidine-2,4-dione
#
_entity_poly.entity_id   1
_entity_poly.type   'polypeptide(L)'
_entity_poly.pdbx_seq_one_letter_code
;MLIAIEGVDGAGKRTLVEKLSGAFRAAGRSVATLAFPRYGQSVAADIAAEALHGEHGDLASSVYAMATLFALDRAGAVHT
IQGLCRGYDVVILDRYVASNAAYSAARLHENAAGKAAAWVQRIEFARLGLPKPDWQVLLAVSAELAGERSRGRAQRDPGR
ARDNYERDAELQQRTGAVYAELAAQGWGGRWLVVGADVDPGRLAATLAPPDVPS
;
_entity_poly.pdbx_strand_id   A
#
# COMPACT_ATOMS: atom_id res chain seq x y z
N MET A 1 0.58 16.35 1.94
CA MET A 1 -0.47 15.36 2.14
C MET A 1 -0.18 14.08 1.37
N LEU A 2 0.30 13.06 2.08
CA LEU A 2 0.60 11.76 1.49
C LEU A 2 -0.50 10.78 1.89
N ILE A 3 -1.22 10.28 0.89
CA ILE A 3 -2.33 9.36 1.10
C ILE A 3 -1.99 8.03 0.44
N ALA A 4 -2.21 6.93 1.16
CA ALA A 4 -1.98 5.60 0.66
C ALA A 4 -3.30 4.83 0.63
N ILE A 5 -3.61 4.23 -0.51
CA ILE A 5 -4.80 3.41 -0.68
C ILE A 5 -4.42 1.95 -0.56
N GLU A 6 -5.05 1.23 0.36
CA GLU A 6 -4.76 -0.17 0.61
C GLU A 6 -6.03 -1.00 0.40
N GLY A 7 -5.85 -2.31 0.33
CA GLY A 7 -6.95 -3.22 0.17
C GLY A 7 -6.54 -4.45 -0.62
N VAL A 8 -7.41 -5.45 -0.58
CA VAL A 8 -7.15 -6.70 -1.29
C VAL A 8 -7.64 -6.65 -2.73
N ASP A 9 -8.66 -5.87 -3.02
CA ASP A 9 -9.22 -5.75 -4.37
C ASP A 9 -8.47 -4.66 -5.11
N GLY A 10 -7.57 -5.06 -6.02
CA GLY A 10 -6.78 -4.10 -6.75
C GLY A 10 -7.60 -3.32 -7.77
N ALA A 11 -8.52 -4.01 -8.46
CA ALA A 11 -9.32 -3.34 -9.48
C ALA A 11 -10.17 -2.21 -8.87
N GLY A 12 -10.70 -2.44 -7.67
CA GLY A 12 -11.47 -1.42 -6.99
C GLY A 12 -10.59 -0.36 -6.38
N LYS A 13 -9.42 -0.78 -5.87
CA LYS A 13 -8.46 0.19 -5.34
C LYS A 13 -8.01 1.16 -6.42
N ARG A 14 -7.81 0.67 -7.64
CA ARG A 14 -7.46 1.57 -8.75
C ARG A 14 -8.58 2.54 -9.03
N THR A 15 -9.84 2.07 -9.01
CA THR A 15 -10.96 2.96 -9.25
C THR A 15 -11.06 4.03 -8.18
N LEU A 16 -10.88 3.65 -6.91
CA LEU A 16 -10.95 4.63 -5.83
C LEU A 16 -9.88 5.71 -5.99
N VAL A 17 -8.70 5.32 -6.49
CA VAL A 17 -7.65 6.30 -6.72
C VAL A 17 -8.07 7.29 -7.81
N GLU A 18 -8.80 6.80 -8.82
CA GLU A 18 -9.25 7.69 -9.88
C GLU A 18 -10.32 8.65 -9.39
N LYS A 19 -11.37 8.13 -8.76
CA LYS A 19 -12.44 8.99 -8.27
C LYS A 19 -11.93 9.97 -7.23
N LEU A 20 -11.02 9.52 -6.36
CA LEU A 20 -10.48 10.41 -5.32
C LEU A 20 -9.65 11.51 -5.95
N SER A 21 -8.86 11.19 -6.98
CA SER A 21 -8.07 12.21 -7.66
C SER A 21 -8.97 13.27 -8.29
N GLY A 22 -9.99 12.83 -9.03
CA GLY A 22 -10.90 13.78 -9.65
C GLY A 22 -11.56 14.70 -8.65
N ALA A 23 -11.87 14.18 -7.47
CA ALA A 23 -12.50 15.01 -6.43
C ALA A 23 -11.55 16.08 -5.94
N PHE A 24 -10.29 15.72 -5.69
CA PHE A 24 -9.31 16.71 -5.25
C PHE A 24 -9.05 17.75 -6.32
N ARG A 25 -8.91 17.32 -7.57
CA ARG A 25 -8.69 18.28 -8.66
C ARG A 25 -9.91 19.18 -8.86
N ALA A 26 -11.11 18.68 -8.55
CA ALA A 26 -12.29 19.53 -8.64
C ALA A 26 -12.28 20.62 -7.58
N ALA A 27 -11.64 20.37 -6.44
CA ALA A 27 -11.55 21.35 -5.37
C ALA A 27 -10.38 22.32 -5.55
N GLY A 28 -9.69 22.26 -6.69
CA GLY A 28 -8.57 23.14 -6.95
C GLY A 28 -7.22 22.62 -6.53
N ARG A 29 -7.17 21.53 -5.76
CA ARG A 29 -5.90 20.98 -5.31
C ARG A 29 -5.27 20.11 -6.39
N SER A 30 -3.95 20.25 -6.55
CA SER A 30 -3.22 19.46 -7.52
C SER A 30 -2.92 18.07 -6.95
N VAL A 31 -2.92 17.08 -7.84
CA VAL A 31 -2.79 15.69 -7.45
C VAL A 31 -1.75 14.99 -8.33
N ALA A 32 -1.08 14.00 -7.73
CA ALA A 32 -0.14 13.14 -8.44
C ALA A 32 -0.20 11.76 -7.80
N THR A 33 -0.12 10.73 -8.64
CA THR A 33 -0.28 9.35 -8.18
C THR A 33 0.99 8.55 -8.45
N LEU A 34 1.08 7.40 -7.79
CA LEU A 34 2.20 6.49 -7.94
C LEU A 34 1.79 5.14 -7.37
N ALA A 35 2.03 4.07 -8.14
CA ALA A 35 1.58 2.74 -7.79
C ALA A 35 2.75 1.84 -7.46
N PHE A 36 2.59 1.02 -6.42
CA PHE A 36 3.59 0.02 -6.06
C PHE A 36 3.01 -1.38 -6.18
N PRO A 37 3.83 -2.35 -6.62
CA PRO A 37 5.24 -2.14 -7.00
C PRO A 37 5.38 -1.33 -8.29
N ARG A 38 6.56 -0.74 -8.49
CA ARG A 38 6.84 0.07 -9.68
C ARG A 38 7.40 -0.82 -10.80
N TYR A 39 6.54 -1.71 -11.28
CA TYR A 39 6.93 -2.57 -12.39
C TYR A 39 7.36 -1.71 -13.58
N GLY A 40 8.41 -2.17 -14.28
CA GLY A 40 8.92 -1.46 -15.43
C GLY A 40 9.83 -0.29 -15.13
N GLN A 41 9.81 0.21 -13.90
CA GLN A 41 10.68 1.31 -13.50
C GLN A 41 11.66 0.95 -12.39
N SER A 42 11.46 -0.19 -11.72
CA SER A 42 12.34 -0.63 -10.64
C SER A 42 12.73 -2.08 -10.89
N VAL A 43 14.03 -2.35 -10.87
CA VAL A 43 14.49 -3.71 -11.12
C VAL A 43 14.09 -4.65 -9.98
N ALA A 44 14.02 -4.13 -8.75
CA ALA A 44 13.61 -4.95 -7.62
C ALA A 44 12.16 -5.42 -7.78
N ALA A 45 11.27 -4.52 -8.19
CA ALA A 45 9.88 -4.88 -8.37
C ALA A 45 9.71 -5.91 -9.48
N ASP A 46 10.39 -5.71 -10.61
CA ASP A 46 10.30 -6.66 -11.71
C ASP A 46 10.82 -8.04 -11.29
N ILE A 47 11.92 -8.07 -10.53
CA ILE A 47 12.45 -9.35 -10.07
C ILE A 47 11.43 -10.09 -9.22
N ALA A 48 10.75 -9.37 -8.32
CA ALA A 48 9.74 -10.01 -7.49
C ALA A 48 8.66 -10.67 -8.34
N ALA A 49 8.08 -9.91 -9.27
CA ALA A 49 7.05 -10.48 -10.15
C ALA A 49 7.59 -11.68 -10.91
N GLU A 50 8.82 -11.58 -11.42
CA GLU A 50 9.40 -12.69 -12.17
C GLU A 50 9.64 -13.90 -11.28
N ALA A 51 10.12 -13.67 -10.05
CA ALA A 51 10.28 -14.78 -9.12
C ALA A 51 8.94 -15.45 -8.84
N LEU A 52 7.86 -14.67 -8.78
CA LEU A 52 6.53 -15.25 -8.59
C LEU A 52 6.22 -16.27 -9.68
N HIS A 53 6.67 -16.02 -10.90
CA HIS A 53 6.36 -16.88 -12.03
C HIS A 53 7.44 -17.93 -12.31
N GLY A 54 8.25 -18.27 -11.30
CA GLY A 54 9.17 -19.38 -11.40
C GLY A 54 10.61 -19.00 -11.71
N GLU A 55 10.90 -17.73 -11.96
CA GLU A 55 12.26 -17.32 -12.28
C GLU A 55 13.04 -17.03 -11.00
N HIS A 56 14.37 -16.96 -11.14
CA HIS A 56 15.27 -16.62 -10.04
C HIS A 56 15.32 -17.74 -9.00
N GLY A 57 15.34 -18.98 -9.46
CA GLY A 57 15.53 -20.10 -8.55
C GLY A 57 14.50 -20.14 -7.44
N ASP A 58 14.99 -20.22 -6.20
CA ASP A 58 14.15 -20.34 -5.02
C ASP A 58 13.84 -18.99 -4.38
N LEU A 59 14.09 -17.88 -5.09
CA LEU A 59 13.88 -16.56 -4.49
C LEU A 59 12.46 -16.40 -3.96
N ALA A 60 11.49 -17.06 -4.58
CA ALA A 60 10.09 -16.90 -4.17
C ALA A 60 9.75 -17.72 -2.94
N SER A 61 10.55 -18.72 -2.58
CA SER A 61 10.25 -19.55 -1.43
C SER A 61 10.45 -18.83 -0.10
N SER A 62 10.99 -17.62 -0.12
CA SER A 62 11.23 -16.83 1.09
C SER A 62 10.29 -15.64 1.08
N VAL A 63 9.35 -15.62 2.03
CA VAL A 63 8.45 -14.48 2.15
C VAL A 63 9.23 -13.20 2.44
N TYR A 64 10.14 -13.27 3.41
CA TYR A 64 10.93 -12.09 3.75
C TYR A 64 11.76 -11.63 2.55
N ALA A 65 12.24 -12.58 1.74
CA ALA A 65 12.99 -12.20 0.54
C ALA A 65 12.14 -11.34 -0.38
N MET A 66 10.93 -11.79 -0.70
CA MET A 66 10.04 -11.01 -1.55
C MET A 66 9.69 -9.68 -0.89
N ALA A 67 9.35 -9.71 0.40
CA ALA A 67 9.07 -8.47 1.11
C ALA A 67 10.25 -7.51 1.03
N THR A 68 11.47 -8.03 1.12
CA THR A 68 12.65 -7.19 0.99
C THR A 68 12.69 -6.53 -0.38
N LEU A 69 12.40 -7.29 -1.43
CA LEU A 69 12.38 -6.71 -2.78
C LEU A 69 11.39 -5.56 -2.86
N PHE A 70 10.17 -5.78 -2.36
CA PHE A 70 9.17 -4.71 -2.34
C PHE A 70 9.66 -3.51 -1.54
N ALA A 71 10.27 -3.77 -0.38
CA ALA A 71 10.79 -2.67 0.44
C ALA A 71 11.88 -1.91 -0.30
N LEU A 72 12.78 -2.63 -0.99
CA LEU A 72 13.81 -1.97 -1.77
C LEU A 72 13.22 -1.14 -2.89
N ASP A 73 12.09 -1.58 -3.45
CA ASP A 73 11.41 -0.80 -4.48
C ASP A 73 11.08 0.60 -3.97
N ARG A 74 10.30 0.67 -2.88
CA ARG A 74 9.96 1.97 -2.31
C ARG A 74 11.19 2.73 -1.84
N ALA A 75 12.22 2.02 -1.38
CA ALA A 75 13.44 2.70 -0.95
C ALA A 75 14.04 3.53 -2.06
N GLY A 76 13.98 3.03 -3.31
CA GLY A 76 14.49 3.78 -4.44
C GLY A 76 13.61 4.95 -4.83
N ALA A 77 12.34 4.94 -4.42
CA ALA A 77 11.40 6.00 -4.75
C ALA A 77 11.25 7.02 -3.63
N VAL A 78 12.08 6.93 -2.58
CA VAL A 78 11.96 7.86 -1.45
C VAL A 78 12.11 9.30 -1.93
N HIS A 79 13.21 9.59 -2.63
N HIS A 79 13.22 9.59 -2.60
CA HIS A 79 13.41 10.94 -3.14
CA HIS A 79 13.41 10.93 -3.15
C HIS A 79 12.38 11.32 -4.18
C HIS A 79 12.28 11.31 -4.09
N THR A 80 11.77 10.34 -4.85
CA THR A 80 10.69 10.64 -5.79
C THR A 80 9.41 11.01 -5.06
N ILE A 81 9.10 10.30 -3.97
CA ILE A 81 7.92 10.63 -3.18
C ILE A 81 8.09 12.00 -2.53
N GLN A 82 9.30 12.29 -2.02
CA GLN A 82 9.54 13.59 -1.40
C GLN A 82 9.40 14.71 -2.42
N GLY A 83 9.80 14.46 -3.67
CA GLY A 83 9.66 15.48 -4.69
C GLY A 83 8.21 15.75 -5.05
N LEU A 84 7.39 14.69 -5.09
CA LEU A 84 5.97 14.87 -5.41
C LEU A 84 5.25 15.62 -4.28
N CYS A 85 5.55 15.28 -3.03
CA CYS A 85 4.92 15.95 -1.90
C CYS A 85 5.30 17.42 -1.81
N ARG A 86 6.40 17.82 -2.47
CA ARG A 86 6.81 19.22 -2.45
C ARG A 86 6.23 20.04 -3.61
N GLY A 87 5.96 19.40 -4.74
CA GLY A 87 5.46 20.11 -5.90
C GLY A 87 3.97 19.97 -6.13
N TYR A 88 3.33 19.07 -5.38
CA TYR A 88 1.90 18.82 -5.52
C TYR A 88 1.21 18.93 -4.17
N ASP A 89 -0.08 19.23 -4.21
CA ASP A 89 -0.86 19.38 -2.98
C ASP A 89 -1.21 18.03 -2.37
N VAL A 90 -1.49 17.03 -3.20
CA VAL A 90 -1.90 15.71 -2.74
C VAL A 90 -1.12 14.65 -3.51
N VAL A 91 -0.64 13.64 -2.80
CA VAL A 91 0.07 12.51 -3.37
C VAL A 91 -0.66 11.24 -2.95
N ILE A 92 -1.18 10.51 -3.93
CA ILE A 92 -1.97 9.30 -3.68
C ILE A 92 -1.17 8.11 -4.17
N LEU A 93 -0.92 7.17 -3.26
CA LEU A 93 -0.13 5.97 -3.55
C LEU A 93 -1.05 4.77 -3.67
N ASP A 94 -0.98 4.08 -4.79
CA ASP A 94 -1.74 2.84 -4.99
C ASP A 94 -0.93 1.71 -4.36
N ARG A 95 -1.26 1.37 -3.11
CA ARG A 95 -0.51 0.38 -2.33
C ARG A 95 0.75 1.02 -1.75
N TYR A 96 1.08 0.66 -0.52
CA TYR A 96 2.24 1.25 0.16
C TYR A 96 2.77 0.25 1.18
N VAL A 97 3.55 0.74 2.15
CA VAL A 97 4.20 -0.13 3.13
C VAL A 97 3.19 -1.06 3.79
N ALA A 98 1.97 -0.57 4.04
CA ALA A 98 0.95 -1.38 4.70
C ALA A 98 0.69 -2.66 3.92
N SER A 99 0.72 -2.58 2.58
CA SER A 99 0.52 -3.77 1.76
C SER A 99 1.56 -4.84 2.10
N ASN A 100 2.82 -4.45 2.26
CA ASN A 100 3.87 -5.42 2.54
C ASN A 100 3.63 -6.11 3.88
N ALA A 101 3.11 -5.38 4.87
CA ALA A 101 2.87 -5.98 6.17
C ALA A 101 1.64 -6.88 6.15
N ALA A 102 0.58 -6.45 5.48
CA ALA A 102 -0.66 -7.23 5.48
C ALA A 102 -0.50 -8.54 4.72
N TYR A 103 0.11 -8.50 3.54
CA TYR A 103 0.24 -9.72 2.75
C TYR A 103 1.34 -10.63 3.30
N SER A 104 2.44 -10.05 3.80
CA SER A 104 3.50 -10.87 4.39
C SER A 104 2.99 -11.63 5.60
N ALA A 105 2.26 -10.94 6.49
CA ALA A 105 1.72 -11.61 7.66
C ALA A 105 0.69 -12.66 7.28
N ALA A 106 -0.09 -12.39 6.22
CA ALA A 106 -1.09 -13.36 5.77
C ALA A 106 -0.42 -14.62 5.25
N ARG A 107 0.62 -14.47 4.42
CA ARG A 107 1.32 -15.64 3.89
C ARG A 107 1.90 -16.49 5.00
N LEU A 108 2.50 -15.86 6.00
CA LEU A 108 3.06 -16.56 7.15
C LEU A 108 2.01 -16.95 8.18
N HIS A 109 0.73 -16.75 7.87
CA HIS A 109 -0.37 -17.08 8.79
C HIS A 109 -0.19 -16.37 10.13
N GLU A 110 0.15 -15.09 10.08
CA GLU A 110 0.34 -14.28 11.27
C GLU A 110 -0.73 -13.20 11.35
N ASN A 111 -0.78 -12.55 12.50
CA ASN A 111 -1.69 -11.43 12.74
C ASN A 111 -0.90 -10.11 12.74
N ALA A 112 -1.60 -9.02 13.05
CA ALA A 112 -0.98 -7.71 13.03
C ALA A 112 0.18 -7.65 14.03
N ALA A 113 0.04 -8.32 15.16
CA ALA A 113 1.08 -8.33 16.19
C ALA A 113 2.15 -9.39 15.95
N GLY A 114 2.20 -9.97 14.75
CA GLY A 114 3.15 -11.01 14.45
C GLY A 114 4.53 -10.48 14.17
N LYS A 115 5.47 -11.41 13.98
CA LYS A 115 6.86 -11.03 13.70
C LYS A 115 6.99 -10.35 12.34
N ALA A 116 6.27 -10.86 11.34
CA ALA A 116 6.39 -10.31 9.98
C ALA A 116 5.94 -8.86 9.93
N ALA A 117 4.80 -8.55 10.57
CA ALA A 117 4.29 -7.18 10.54
C ALA A 117 5.28 -6.22 11.21
N ALA A 118 5.74 -6.56 12.40
CA ALA A 118 6.69 -5.69 13.10
C ALA A 118 7.95 -5.49 12.27
N TRP A 119 8.41 -6.53 11.58
CA TRP A 119 9.60 -6.41 10.74
C TRP A 119 9.38 -5.40 9.61
N VAL A 120 8.20 -5.41 9.00
CA VAL A 120 7.91 -4.46 7.93
C VAL A 120 7.98 -3.04 8.46
N GLN A 121 7.26 -2.76 9.55
CA GLN A 121 7.30 -1.43 10.16
C GLN A 121 8.73 -1.03 10.52
N ARG A 122 9.54 -1.99 10.95
CA ARG A 122 10.89 -1.66 11.42
C ARG A 122 11.80 -1.30 10.26
N ILE A 123 11.79 -2.11 9.19
CA ILE A 123 12.79 -1.95 8.14
C ILE A 123 12.42 -0.82 7.19
N GLU A 124 11.14 -0.69 6.85
CA GLU A 124 10.74 0.29 5.84
C GLU A 124 10.61 1.70 6.41
N PHE A 125 9.99 1.82 7.58
CA PHE A 125 9.77 3.14 8.19
C PHE A 125 10.98 3.63 8.99
N ALA A 126 11.61 2.75 9.76
CA ALA A 126 12.71 3.15 10.63
C ALA A 126 14.06 3.15 9.90
N ARG A 127 14.37 2.07 9.19
CA ARG A 127 15.69 1.94 8.58
C ARG A 127 15.74 2.62 7.22
N LEU A 128 14.80 2.29 6.33
CA LEU A 128 14.81 2.87 4.99
C LEU A 128 14.32 4.32 4.97
N GLY A 129 13.66 4.77 6.03
CA GLY A 129 13.22 6.15 6.10
C GLY A 129 12.08 6.50 5.17
N LEU A 130 11.22 5.53 4.85
CA LEU A 130 10.09 5.82 3.98
C LEU A 130 9.16 6.84 4.65
N PRO A 131 8.66 7.82 3.90
CA PRO A 131 7.79 8.83 4.51
C PRO A 131 6.53 8.21 5.10
N LYS A 132 6.20 8.64 6.31
CA LYS A 132 4.98 8.17 6.97
C LYS A 132 3.76 8.76 6.27
N PRO A 133 2.78 7.95 5.90
CA PRO A 133 1.59 8.50 5.22
C PRO A 133 0.64 9.17 6.21
N ASP A 134 0.15 10.35 5.83
CA ASP A 134 -0.81 11.05 6.67
C ASP A 134 -2.09 10.23 6.82
N TRP A 135 -2.57 9.63 5.74
CA TRP A 135 -3.75 8.77 5.76
C TRP A 135 -3.42 7.44 5.10
N GLN A 136 -4.03 6.38 5.63
CA GLN A 136 -3.96 5.05 5.03
C GLN A 136 -5.40 4.57 4.87
N VAL A 137 -5.93 4.69 3.66
CA VAL A 137 -7.34 4.40 3.39
C VAL A 137 -7.48 2.92 3.04
N LEU A 138 -8.25 2.19 3.84
CA LEU A 138 -8.52 0.79 3.61
C LEU A 138 -9.84 0.64 2.86
N LEU A 139 -9.78 -0.01 1.69
CA LEU A 139 -10.96 -0.29 0.89
C LEU A 139 -11.44 -1.70 1.21
N ALA A 140 -12.53 -1.79 1.97
CA ALA A 140 -13.06 -3.08 2.37
C ALA A 140 -13.97 -3.66 1.28
N ARG A 162 -9.05 -25.46 -10.53
CA ARG A 162 -8.69 -26.60 -9.68
C ARG A 162 -8.80 -26.24 -8.21
N ASP A 163 -8.02 -26.92 -7.38
CA ASP A 163 -8.03 -26.66 -5.94
C ASP A 163 -7.31 -25.37 -5.57
N ASN A 164 -6.50 -24.82 -6.48
CA ASN A 164 -5.78 -23.58 -6.18
C ASN A 164 -6.71 -22.41 -5.96
N TYR A 165 -7.94 -22.47 -6.48
CA TYR A 165 -8.88 -21.37 -6.29
C TYR A 165 -9.21 -21.16 -4.83
N GLU A 166 -9.09 -22.20 -4.01
CA GLU A 166 -9.37 -22.08 -2.58
C GLU A 166 -8.14 -21.64 -1.78
N ARG A 167 -6.96 -22.13 -2.15
CA ARG A 167 -5.73 -21.72 -1.47
C ARG A 167 -5.51 -20.23 -1.57
N ASP A 168 -6.14 -19.56 -2.53
CA ASP A 168 -6.01 -18.11 -2.69
C ASP A 168 -7.03 -17.37 -1.83
N ALA A 169 -8.31 -17.75 -1.92
CA ALA A 169 -9.34 -17.08 -1.13
C ALA A 169 -9.00 -17.06 0.35
N GLU A 170 -8.27 -18.07 0.83
CA GLU A 170 -7.86 -18.08 2.23
C GLU A 170 -6.82 -17.00 2.50
N LEU A 171 -5.91 -16.77 1.55
CA LEU A 171 -4.91 -15.72 1.73
C LEU A 171 -5.54 -14.33 1.69
N GLN A 172 -6.55 -14.15 0.85
CA GLN A 172 -7.23 -12.84 0.79
C GLN A 172 -7.94 -12.53 2.10
N GLN A 173 -8.65 -13.51 2.65
CA GLN A 173 -9.34 -13.28 3.93
C GLN A 173 -8.35 -13.01 5.04
N ARG A 174 -7.22 -13.72 5.06
CA ARG A 174 -6.18 -13.46 6.05
C ARG A 174 -5.60 -12.07 5.88
N THR A 175 -5.26 -11.70 4.64
CA THR A 175 -4.75 -10.36 4.39
C THR A 175 -5.78 -9.30 4.77
N GLY A 176 -7.04 -9.51 4.39
CA GLY A 176 -8.08 -8.56 4.74
C GLY A 176 -8.24 -8.41 6.24
N ALA A 177 -8.14 -9.52 6.98
CA ALA A 177 -8.21 -9.45 8.43
C ALA A 177 -7.02 -8.69 9.00
N VAL A 178 -5.82 -8.98 8.49
CA VAL A 178 -4.63 -8.24 8.93
C VAL A 178 -4.80 -6.76 8.66
N TYR A 179 -5.35 -6.41 7.48
CA TYR A 179 -5.67 -5.01 7.19
C TYR A 179 -6.55 -4.43 8.29
N ALA A 180 -7.64 -5.12 8.61
CA ALA A 180 -8.55 -4.63 9.66
C ALA A 180 -7.82 -4.42 10.98
N GLU A 181 -6.84 -5.26 11.27
CA GLU A 181 -6.08 -5.09 12.51
C GLU A 181 -5.18 -3.86 12.45
N LEU A 182 -4.50 -3.66 11.32
CA LEU A 182 -3.62 -2.50 11.20
C LEU A 182 -4.38 -1.19 11.35
N ALA A 183 -5.55 -1.11 10.70
CA ALA A 183 -6.34 0.12 10.76
C ALA A 183 -6.89 0.35 12.15
N ALA A 184 -7.27 -0.71 12.87
CA ALA A 184 -7.85 -0.56 14.19
C ALA A 184 -6.82 -0.05 15.19
N GLN A 185 -5.54 -0.35 14.99
CA GLN A 185 -4.49 0.04 15.92
C GLN A 185 -3.68 1.21 15.42
N GLY A 186 -4.09 1.84 14.32
CA GLY A 186 -3.36 2.96 13.76
C GLY A 186 -1.93 2.60 13.40
N TRP A 187 -1.77 1.53 12.63
CA TRP A 187 -0.43 1.04 12.26
C TRP A 187 0.23 2.02 11.30
N GLY A 188 1.33 2.63 11.75
CA GLY A 188 2.05 3.57 10.92
C GLY A 188 1.35 4.89 10.68
N GLY A 189 0.29 5.19 11.43
CA GLY A 189 -0.47 6.40 11.24
C GLY A 189 -1.96 6.17 11.34
N ARG A 190 -2.74 7.23 11.22
CA ARG A 190 -4.19 7.10 11.27
C ARG A 190 -4.73 6.44 10.01
N TRP A 191 -5.78 5.66 10.17
CA TRP A 191 -6.40 4.89 9.10
C TRP A 191 -7.82 5.38 8.86
N LEU A 192 -8.47 4.76 7.88
CA LEU A 192 -9.85 5.12 7.52
C LEU A 192 -10.41 4.01 6.65
N VAL A 193 -11.34 3.24 7.20
CA VAL A 193 -11.92 2.11 6.49
C VAL A 193 -13.12 2.59 5.70
N VAL A 194 -13.17 2.25 4.42
CA VAL A 194 -14.25 2.65 3.53
C VAL A 194 -14.65 1.46 2.66
N GLY A 195 -15.95 1.35 2.38
CA GLY A 195 -16.44 0.36 1.45
C GLY A 195 -16.39 0.83 0.01
N ALA A 196 -16.57 -0.11 -0.91
CA ALA A 196 -16.53 0.22 -2.33
C ALA A 196 -17.54 1.31 -2.69
N ASP A 197 -18.65 1.38 -1.95
CA ASP A 197 -19.69 2.38 -2.18
C ASP A 197 -19.35 3.74 -1.60
N VAL A 198 -18.10 3.96 -1.18
CA VAL A 198 -17.73 5.23 -0.56
C VAL A 198 -17.92 6.37 -1.54
N ASP A 199 -18.43 7.48 -1.04
CA ASP A 199 -18.63 8.67 -1.87
C ASP A 199 -17.31 9.41 -2.04
N PRO A 200 -16.85 9.66 -3.27
CA PRO A 200 -15.54 10.31 -3.43
C PRO A 200 -15.51 11.72 -2.87
N GLY A 201 -16.55 12.51 -3.09
CA GLY A 201 -16.56 13.88 -2.59
C GLY A 201 -16.44 13.95 -1.09
N ARG A 202 -17.18 13.08 -0.38
CA ARG A 202 -17.09 13.07 1.08
C ARG A 202 -15.72 12.61 1.55
N LEU A 203 -15.14 11.61 0.88
CA LEU A 203 -13.85 11.09 1.31
C LEU A 203 -12.75 12.14 1.14
N ALA A 204 -12.73 12.83 0.00
CA ALA A 204 -11.71 13.85 -0.22
C ALA A 204 -11.89 15.04 0.71
N ALA A 205 -13.14 15.35 1.08
CA ALA A 205 -13.37 16.43 2.03
C ALA A 205 -12.97 16.04 3.44
N THR A 206 -13.02 14.74 3.76
CA THR A 206 -12.62 14.28 5.08
C THR A 206 -11.10 14.17 5.22
N LEU A 207 -10.41 13.83 4.12
CA LEU A 207 -8.96 13.69 4.18
C LEU A 207 -8.26 15.04 4.18
N ALA A 208 -8.78 16.01 3.41
CA ALA A 208 -8.20 17.35 3.32
C ALA A 208 -9.34 18.36 3.38
N PRO A 209 -9.78 18.72 4.58
CA PRO A 209 -10.90 19.66 4.72
C PRO A 209 -10.54 21.03 4.17
N PRO A 210 -11.53 21.82 3.77
CA PRO A 210 -11.24 23.19 3.33
C PRO A 210 -10.77 24.06 4.48
N ASP A 211 -10.04 25.12 4.13
CA ASP A 211 -9.53 26.07 5.09
C ASP A 211 -8.34 25.50 5.86
N VAL A 212 -7.55 24.68 5.17
CA VAL A 212 -6.37 24.05 5.77
C VAL A 212 -6.75 23.32 7.06
#